data_9DII
#
_entry.id   9DII
#
_cell.length_a   1.00
_cell.length_b   1.00
_cell.length_c   1.00
_cell.angle_alpha   90.00
_cell.angle_beta   90.00
_cell.angle_gamma   90.00
#
_symmetry.space_group_name_H-M   'P 1'
#
_entity_poly.entity_id   1
_entity_poly.type   'polyribonucleotide'
_entity_poly.pdbx_seq_one_letter_code
;GGGCCACUGUUCUCACUGUUGCGCUACAUCUGGCUAUUCGGAAAUGGAAGCCAGACCACACGAAAGUGUGGAUUGACCAG
UGGCCCCUCCCUGAAGGUAAACUUGUAGCGC
;
_entity_poly.pdbx_strand_id   A,B
#